data_4XO0
#
_entry.id   4XO0
#
_cell.length_a   54.638
_cell.length_b   145.359
_cell.length_c   46.878
_cell.angle_alpha   90.000
_cell.angle_beta   90.000
_cell.angle_gamma   90.000
#
_symmetry.space_group_name_H-M   'P 21 21 2'
#
loop_
_entity.id
_entity.type
_entity.pdbx_description
1 polymer 'reverse transcriptase'
2 polymer "DNA (5'-D(*CP*TP*TP*AP*TP*(1WA)P*(1WA)P*T)-3')"
3 polymer "DNA (5'-D(P*AP*(1W5)P*(1W5)P*AP*TP*AP*AP*G)-3')"
4 water water
#
loop_
_entity_poly.entity_id
_entity_poly.type
_entity_poly.pdbx_seq_one_letter_code
_entity_poly.pdbx_strand_id
1 'polypeptide(L)'
;GSHMTWLSDFPQAWAETGGMGLAVRQAPLIIPLKATSTPVSIKQYPMSQEARLGIKPHIQRLLDQGILVPCQSPWNTPLL
PVKKPGTNDYRPVQDLREVNKRVEDIHPTVPNPYNLLSGLPPSHQWYTVLDLKDAFFCLRLHPTSQPLFAFEWRDPEMGI
SGQLTWTRLPQGFKNSPTLFDEALHRDLADFRIQHPDLILLQYVDDLLLAATSELDCQQGTRALLQTLGNLGYRASAKKA
QICQKQVKYLGYLLKEGQR
;
A
2 'polydeoxyribonucleotide' (DC)(DT)(DT)(DA)(DT)(1WA)(1WA)(DT) B
3 'polydeoxyribonucleotide' (DA)(1W5)(1W5)(DA)(DT)(DA)(DA)(DG) G
#
# COMPACT_ATOMS: atom_id res chain seq x y z
N THR A 5 -14.67 20.82 9.04
CA THR A 5 -14.36 20.25 7.73
C THR A 5 -13.95 18.79 7.88
N TRP A 6 -14.04 18.03 6.79
CA TRP A 6 -13.62 16.64 6.82
C TRP A 6 -12.16 16.54 7.23
N LEU A 7 -11.36 17.49 6.74
CA LEU A 7 -9.93 17.50 7.04
C LEU A 7 -9.69 17.65 8.54
N SER A 8 -10.38 18.60 9.16
CA SER A 8 -10.10 18.94 10.57
C SER A 8 -10.74 17.98 11.57
N ASP A 9 -11.89 17.41 11.20
CA ASP A 9 -12.62 16.50 12.07
C ASP A 9 -11.97 15.11 12.20
N PHE A 10 -11.15 14.75 11.22
CA PHE A 10 -10.51 13.44 11.21
C PHE A 10 -9.03 13.52 10.86
N PRO A 11 -8.24 14.19 11.73
CA PRO A 11 -6.83 14.47 11.42
C PRO A 11 -6.00 13.19 11.33
N GLN A 12 -6.39 12.18 12.10
CA GLN A 12 -5.64 10.92 12.16
C GLN A 12 -5.83 10.08 10.90
N ALA A 13 -6.95 10.27 10.23
CA ALA A 13 -7.29 9.45 9.06
C ALA A 13 -6.64 9.90 7.75
N TRP A 14 -6.20 11.15 7.68
CA TRP A 14 -5.65 11.66 6.42
C TRP A 14 -4.13 11.63 6.39
N ALA A 15 -3.58 11.24 5.25
CA ALA A 15 -2.14 11.19 5.10
C ALA A 15 -1.56 12.57 5.33
N GLU A 16 -2.31 13.59 4.95
CA GLU A 16 -1.84 14.97 5.02
C GLU A 16 -1.55 15.42 6.44
N THR A 17 -2.32 14.90 7.39
CA THR A 17 -2.26 15.37 8.78
C THR A 17 -1.97 14.29 9.83
N GLY A 18 -1.94 13.03 9.45
CA GLY A 18 -1.84 11.97 10.45
C GLY A 18 -0.50 11.25 10.58
N GLY A 19 0.45 11.57 9.72
CA GLY A 19 1.73 10.87 9.73
C GLY A 19 1.70 9.60 8.90
N MET A 20 2.86 8.97 8.73
CA MET A 20 2.94 7.71 7.98
C MET A 20 2.11 6.68 8.72
N GLY A 21 1.43 5.83 7.96
CA GLY A 21 0.61 4.79 8.58
C GLY A 21 1.42 3.61 9.08
N LEU A 22 0.75 2.77 9.86
CA LEU A 22 1.31 1.50 10.32
C LEU A 22 0.08 0.74 10.80
N ALA A 23 -0.19 -0.42 10.20
CA ALA A 23 -1.36 -1.22 10.57
C ALA A 23 -1.09 -2.01 11.86
N VAL A 24 -1.48 -1.42 12.97
CA VAL A 24 -1.07 -1.89 14.30
C VAL A 24 -1.68 -3.22 14.71
N ARG A 25 -2.78 -3.60 14.10
CA ARG A 25 -3.44 -4.86 14.49
C ARG A 25 -2.91 -6.04 13.69
N GLN A 26 -2.11 -5.75 12.66
CA GLN A 26 -1.66 -6.81 11.75
C GLN A 26 -0.29 -7.34 12.12
N ALA A 27 -0.20 -8.64 12.38
CA ALA A 27 1.10 -9.24 12.67
C ALA A 27 2.10 -9.00 11.52
N PRO A 28 3.38 -8.79 11.86
CA PRO A 28 4.41 -8.68 10.80
C PRO A 28 4.40 -9.90 9.90
N LEU A 29 4.46 -9.67 8.59
CA LEU A 29 4.21 -10.74 7.62
C LEU A 29 5.44 -11.60 7.40
N ILE A 30 5.24 -12.90 7.41
CA ILE A 30 6.29 -13.85 7.04
C ILE A 30 6.03 -14.33 5.62
N ILE A 31 7.05 -14.30 4.79
CA ILE A 31 6.93 -14.59 3.36
C ILE A 31 7.58 -15.95 3.05
N PRO A 32 6.75 -16.98 2.87
CA PRO A 32 7.34 -18.30 2.65
C PRO A 32 8.02 -18.45 1.29
N LEU A 33 9.17 -19.10 1.30
CA LEU A 33 9.87 -19.36 0.04
C LEU A 33 9.41 -20.70 -0.54
N LYS A 34 9.57 -20.84 -1.85
CA LYS A 34 9.41 -22.15 -2.49
C LYS A 34 10.38 -23.16 -1.88
N ALA A 35 10.03 -24.44 -2.00
CA ALA A 35 10.76 -25.45 -1.26
C ALA A 35 12.21 -25.63 -1.66
N THR A 36 12.57 -25.32 -2.90
CA THR A 36 13.97 -25.43 -3.33
C THR A 36 14.71 -24.10 -3.41
N SER A 37 14.08 -23.00 -3.03
CA SER A 37 14.79 -21.72 -3.18
C SER A 37 16.05 -21.52 -2.32
N THR A 38 17.06 -20.88 -2.89
CA THR A 38 18.16 -20.35 -2.08
C THR A 38 18.40 -18.90 -2.51
N PRO A 39 19.07 -18.12 -1.66
CA PRO A 39 19.22 -16.67 -1.91
C PRO A 39 19.93 -16.40 -3.23
N VAL A 40 19.53 -15.31 -3.89
CA VAL A 40 20.20 -14.87 -5.11
C VAL A 40 20.70 -13.47 -4.87
N SER A 41 21.92 -13.20 -5.29
CA SER A 41 22.55 -11.91 -5.07
C SER A 41 22.94 -11.36 -6.43
N ILE A 42 22.18 -10.38 -6.89
CA ILE A 42 22.40 -9.78 -8.20
C ILE A 42 23.14 -8.47 -8.02
N LYS A 43 24.24 -8.28 -8.74
CA LYS A 43 25.06 -7.10 -8.54
C LYS A 43 24.30 -5.86 -9.02
N GLN A 44 24.48 -4.76 -8.32
CA GLN A 44 23.85 -3.49 -8.66
C GLN A 44 24.56 -2.90 -9.89
N TYR A 45 23.82 -2.64 -10.94
CA TYR A 45 24.35 -1.94 -12.11
C TYR A 45 24.80 -0.55 -11.66
N PRO A 46 26.00 -0.11 -12.09
CA PRO A 46 26.46 1.20 -11.63
C PRO A 46 25.45 2.29 -11.98
N MET A 47 25.20 3.19 -11.03
CA MET A 47 24.19 4.22 -11.21
C MET A 47 24.92 5.53 -11.44
N SER A 48 24.42 6.34 -12.36
CA SER A 48 25.00 7.66 -12.62
C SER A 48 24.83 8.57 -11.43
N GLN A 49 25.62 9.63 -11.36
CA GLN A 49 25.41 10.58 -10.28
C GLN A 49 24.03 11.22 -10.36
N GLU A 50 23.56 11.50 -11.57
CA GLU A 50 22.29 12.19 -11.74
C GLU A 50 21.18 11.36 -11.10
N ALA A 51 21.24 10.06 -11.34
CA ALA A 51 20.21 9.15 -10.81
C ALA A 51 20.38 9.03 -9.30
N ARG A 52 21.61 8.86 -8.85
CA ARG A 52 21.88 8.75 -7.41
C ARG A 52 21.43 10.01 -6.62
N LEU A 53 21.73 11.19 -7.13
CA LEU A 53 21.24 12.41 -6.49
C LEU A 53 19.72 12.49 -6.51
N GLY A 54 19.11 12.01 -7.58
CA GLY A 54 17.67 11.99 -7.69
C GLY A 54 17.03 11.10 -6.64
N ILE A 55 17.60 9.92 -6.47
CA ILE A 55 17.06 8.91 -5.55
C ILE A 55 17.34 9.19 -4.09
N LYS A 56 18.48 9.84 -3.82
CA LYS A 56 18.97 10.01 -2.46
C LYS A 56 17.97 10.56 -1.43
N PRO A 57 17.23 11.63 -1.76
CA PRO A 57 16.34 12.18 -0.74
C PRO A 57 15.21 11.21 -0.40
N HIS A 58 14.79 10.41 -1.37
CA HIS A 58 13.75 9.40 -1.13
C HIS A 58 14.26 8.33 -0.18
N ILE A 59 15.47 7.85 -0.41
CA ILE A 59 16.10 6.88 0.48
C ILE A 59 16.29 7.43 1.89
N GLN A 60 16.72 8.68 1.99
CA GLN A 60 16.92 9.28 3.31
C GLN A 60 15.60 9.39 4.06
N ARG A 61 14.53 9.73 3.36
CA ARG A 61 13.23 9.89 3.99
C ARG A 61 12.78 8.54 4.53
N LEU A 62 12.98 7.49 3.74
CA LEU A 62 12.58 6.15 4.16
C LEU A 62 13.38 5.64 5.32
N LEU A 63 14.67 5.97 5.36
CA LEU A 63 15.51 5.62 6.49
C LEU A 63 15.02 6.34 7.75
N ASP A 64 14.75 7.64 7.61
CA ASP A 64 14.23 8.43 8.72
C ASP A 64 12.92 7.84 9.25
N GLN A 65 12.08 7.35 8.33
CA GLN A 65 10.78 6.76 8.69
C GLN A 65 10.91 5.33 9.25
N GLY A 66 12.11 4.77 9.17
CA GLY A 66 12.34 3.40 9.60
C GLY A 66 11.78 2.35 8.64
N ILE A 67 11.34 2.80 7.48
CA ILE A 67 10.80 1.91 6.44
C ILE A 67 11.95 1.17 5.75
N LEU A 68 13.10 1.85 5.64
CA LEU A 68 14.34 1.17 5.25
C LEU A 68 15.28 1.10 6.46
N VAL A 69 16.04 0.02 6.55
CA VAL A 69 17.08 -0.14 7.57
C VAL A 69 18.32 -0.76 6.96
N PRO A 70 19.50 -0.47 7.55
CA PRO A 70 20.68 -1.16 7.06
C PRO A 70 20.57 -2.65 7.32
N CYS A 71 21.24 -3.44 6.50
CA CYS A 71 21.33 -4.87 6.72
C CYS A 71 22.51 -5.49 5.97
N GLN A 72 22.82 -6.73 6.33
CA GLN A 72 23.69 -7.59 5.54
C GLN A 72 22.92 -8.85 5.18
N SER A 73 22.76 -9.11 3.88
CA SER A 73 21.90 -10.19 3.42
C SER A 73 22.49 -10.93 2.23
N PRO A 74 22.27 -12.25 2.17
CA PRO A 74 22.70 -13.09 1.04
C PRO A 74 21.84 -12.82 -0.19
N TRP A 75 20.75 -12.08 0.00
CA TRP A 75 19.88 -11.69 -1.11
C TRP A 75 20.27 -10.30 -1.52
N ASN A 76 20.20 -10.03 -2.81
CA ASN A 76 20.36 -8.66 -3.30
C ASN A 76 19.71 -8.53 -4.67
N THR A 77 18.92 -7.48 -4.85
CA THR A 77 18.37 -7.15 -6.16
C THR A 77 18.66 -5.69 -6.51
N PRO A 78 18.66 -5.40 -7.80
CA PRO A 78 19.10 -4.08 -8.23
C PRO A 78 18.02 -3.03 -8.13
N LEU A 79 18.50 -1.83 -7.81
N LEU A 79 18.47 -1.79 -7.94
CA LEU A 79 17.69 -0.65 -7.73
CA LEU A 79 17.66 -0.61 -8.23
C LEU A 79 17.88 0.11 -9.04
C LEU A 79 17.85 -0.26 -9.70
N LEU A 80 16.80 0.55 -9.65
N LEU A 80 16.80 0.23 -10.35
CA LEU A 80 16.89 1.37 -10.85
CA LEU A 80 16.94 0.71 -11.74
C LEU A 80 16.29 2.76 -10.67
C LEU A 80 17.84 1.96 -11.80
N PRO A 81 16.72 3.71 -11.48
N PRO A 81 18.74 1.99 -12.80
CA PRO A 81 16.13 5.04 -11.44
CA PRO A 81 19.70 3.10 -12.94
C PRO A 81 15.07 5.17 -12.52
C PRO A 81 19.11 4.32 -13.65
N VAL A 82 13.90 5.65 -12.14
N VAL A 82 17.89 4.21 -14.16
CA VAL A 82 12.81 5.84 -13.08
CA VAL A 82 17.28 5.31 -14.93
C VAL A 82 12.29 7.27 -13.00
C VAL A 82 16.05 5.85 -14.22
N TYR A 90 13.07 11.44 -10.65
CA TYR A 90 13.68 10.19 -10.18
C TYR A 90 13.06 9.67 -8.89
N ARG A 91 12.64 8.41 -8.93
CA ARG A 91 12.26 7.68 -7.73
C ARG A 91 12.79 6.25 -7.86
N PRO A 92 13.11 5.60 -6.74
CA PRO A 92 13.80 4.31 -6.76
C PRO A 92 12.82 3.17 -7.09
N VAL A 93 13.17 2.32 -8.05
CA VAL A 93 12.34 1.17 -8.40
C VAL A 93 13.23 -0.06 -8.32
N GLN A 94 12.82 -1.05 -7.53
CA GLN A 94 13.63 -2.21 -7.32
C GLN A 94 13.15 -3.31 -8.25
N ASP A 95 14.08 -4.01 -8.91
CA ASP A 95 13.71 -5.14 -9.76
C ASP A 95 13.71 -6.40 -8.91
N LEU A 96 12.51 -6.76 -8.46
CA LEU A 96 12.36 -7.90 -7.56
C LEU A 96 12.00 -9.19 -8.30
N ARG A 97 12.15 -9.21 -9.62
CA ARG A 97 11.72 -10.40 -10.34
C ARG A 97 12.39 -11.71 -9.89
N GLU A 98 13.69 -11.67 -9.57
CA GLU A 98 14.38 -12.90 -9.16
C GLU A 98 13.99 -13.31 -7.75
N VAL A 99 13.57 -12.35 -6.94
CA VAL A 99 13.01 -12.73 -5.64
C VAL A 99 11.61 -13.33 -5.82
N ASN A 100 10.78 -12.68 -6.66
CA ASN A 100 9.42 -13.14 -6.91
C ASN A 100 9.41 -14.61 -7.35
N LYS A 101 10.35 -14.97 -8.23
CA LYS A 101 10.45 -16.35 -8.74
C LYS A 101 10.69 -17.35 -7.63
N ARG A 102 11.29 -16.91 -6.51
CA ARG A 102 11.67 -17.84 -5.46
C ARG A 102 10.68 -17.89 -4.32
N VAL A 103 9.67 -17.02 -4.37
CA VAL A 103 8.68 -16.94 -3.29
C VAL A 103 7.47 -17.83 -3.61
N GLU A 104 6.99 -18.56 -2.62
CA GLU A 104 5.86 -19.46 -2.84
C GLU A 104 4.64 -18.65 -3.31
N ASP A 105 3.93 -19.19 -4.29
CA ASP A 105 2.74 -18.55 -4.81
C ASP A 105 1.59 -18.62 -3.82
N ILE A 106 0.74 -17.59 -3.84
CA ILE A 106 -0.48 -17.61 -3.05
C ILE A 106 -1.67 -17.47 -3.98
N HIS A 107 -2.86 -17.89 -3.53
CA HIS A 107 -4.04 -17.75 -4.39
C HIS A 107 -4.37 -16.28 -4.62
N PRO A 108 -4.70 -15.89 -5.87
CA PRO A 108 -5.05 -14.48 -6.13
C PRO A 108 -6.49 -14.18 -5.70
N THR A 109 -6.65 -13.54 -4.56
CA THR A 109 -7.97 -13.33 -4.00
C THR A 109 -8.55 -11.95 -4.29
N VAL A 110 -7.77 -11.07 -4.92
CA VAL A 110 -8.30 -9.74 -5.24
C VAL A 110 -9.23 -9.91 -6.44
N PRO A 111 -10.51 -9.50 -6.31
CA PRO A 111 -11.45 -9.62 -7.43
C PRO A 111 -11.09 -8.69 -8.57
N ASN A 112 -11.44 -9.02 -9.81
CA ASN A 112 -11.24 -8.03 -10.86
C ASN A 112 -12.28 -6.91 -10.70
N PRO A 113 -11.92 -5.68 -11.12
CA PRO A 113 -12.86 -4.58 -10.89
C PRO A 113 -14.26 -4.83 -11.45
N TYR A 114 -14.36 -5.50 -12.59
CA TYR A 114 -15.68 -5.76 -13.18
C TYR A 114 -16.55 -6.55 -12.19
N ASN A 115 -15.98 -7.60 -11.62
CA ASN A 115 -16.73 -8.43 -10.70
C ASN A 115 -16.98 -7.72 -9.38
N LEU A 116 -15.97 -7.00 -8.88
CA LEU A 116 -16.18 -6.21 -7.67
C LEU A 116 -17.37 -5.26 -7.81
N LEU A 117 -17.49 -4.61 -8.96
CA LEU A 117 -18.54 -3.60 -9.11
C LEU A 117 -19.93 -4.21 -9.26
N SER A 118 -19.98 -5.51 -9.56
CA SER A 118 -21.25 -6.22 -9.64
C SER A 118 -21.97 -6.21 -8.29
N GLY A 119 -21.21 -6.03 -7.21
CA GLY A 119 -21.78 -6.03 -5.87
C GLY A 119 -22.33 -4.69 -5.43
N LEU A 120 -22.45 -3.75 -6.37
CA LEU A 120 -22.97 -2.42 -6.07
C LEU A 120 -24.43 -2.33 -6.53
N PRO A 121 -25.37 -2.30 -5.57
CA PRO A 121 -26.81 -2.27 -5.84
C PRO A 121 -27.34 -0.88 -6.20
N PRO A 122 -28.37 -0.83 -7.07
CA PRO A 122 -28.98 0.43 -7.52
C PRO A 122 -29.59 1.23 -6.35
N SER A 123 -29.88 0.54 -5.26
CA SER A 123 -30.43 1.19 -4.06
C SER A 123 -29.46 2.18 -3.41
N HIS A 124 -28.15 1.96 -3.62
CA HIS A 124 -27.13 2.79 -2.98
C HIS A 124 -26.44 3.69 -3.99
N GLN A 125 -26.84 4.95 -4.05
CA GLN A 125 -26.30 5.86 -5.07
C GLN A 125 -25.60 7.10 -4.53
N TRP A 126 -25.31 7.12 -3.23
CA TRP A 126 -24.49 8.16 -2.63
C TRP A 126 -23.11 7.57 -2.29
N TYR A 127 -22.07 8.07 -2.96
CA TYR A 127 -20.77 7.42 -2.90
C TYR A 127 -19.69 8.23 -2.20
N THR A 128 -18.81 7.52 -1.50
CA THR A 128 -17.57 8.09 -1.02
C THR A 128 -16.44 7.22 -1.56
N VAL A 129 -15.43 7.85 -2.14
CA VAL A 129 -14.26 7.10 -2.61
C VAL A 129 -13.02 7.59 -1.89
N LEU A 130 -12.26 6.65 -1.32
CA LEU A 130 -11.03 6.97 -0.64
C LEU A 130 -9.90 6.12 -1.23
N ASP A 131 -8.72 6.69 -1.37
CA ASP A 131 -7.57 5.84 -1.65
C ASP A 131 -6.55 5.97 -0.53
N LEU A 132 -6.02 4.82 -0.11
CA LEU A 132 -5.06 4.81 0.95
C LEU A 132 -3.69 5.12 0.42
N LYS A 133 -2.98 5.98 1.13
CA LYS A 133 -1.67 6.43 0.74
C LYS A 133 -0.61 5.48 1.31
N ASP A 134 0.34 5.10 0.47
CA ASP A 134 1.51 4.28 0.87
C ASP A 134 1.01 3.04 1.59
N ALA A 135 -0.01 2.41 1.01
CA ALA A 135 -0.71 1.29 1.64
C ALA A 135 0.21 0.15 2.03
N PHE A 136 1.03 -0.31 1.10
CA PHE A 136 1.86 -1.48 1.39
C PHE A 136 2.76 -1.16 2.57
N PHE A 137 3.24 0.08 2.62
CA PHE A 137 4.15 0.45 3.70
C PHE A 137 3.49 0.44 5.08
N CYS A 138 2.16 0.34 5.15
CA CYS A 138 1.48 0.24 6.45
C CYS A 138 1.62 -1.15 7.03
N LEU A 139 1.95 -2.14 6.21
CA LEU A 139 2.08 -3.51 6.69
C LEU A 139 3.52 -3.88 7.01
N ARG A 140 3.78 -4.20 8.27
CA ARG A 140 5.11 -4.67 8.65
C ARG A 140 5.51 -6.01 8.07
N LEU A 141 6.81 -6.16 7.82
CA LEU A 141 7.42 -7.40 7.39
C LEU A 141 8.14 -7.99 8.61
N HIS A 142 7.96 -9.29 8.86
CA HIS A 142 8.65 -9.95 9.96
C HIS A 142 10.16 -9.85 9.72
N PRO A 143 10.94 -9.63 10.78
CA PRO A 143 12.40 -9.58 10.61
C PRO A 143 13.00 -10.78 9.87
N THR A 144 12.38 -11.95 9.93
CA THR A 144 12.92 -13.11 9.23
C THR A 144 12.79 -13.00 7.74
N SER A 145 11.79 -12.24 7.31
CA SER A 145 11.56 -12.02 5.88
C SER A 145 12.20 -10.75 5.32
N GLN A 146 12.63 -9.85 6.17
CA GLN A 146 13.24 -8.60 5.70
C GLN A 146 14.46 -8.79 4.78
N PRO A 147 15.36 -9.75 5.08
CA PRO A 147 16.55 -9.89 4.24
C PRO A 147 16.25 -10.22 2.78
N LEU A 148 15.10 -10.81 2.49
CA LEU A 148 14.77 -11.19 1.11
C LEU A 148 14.85 -10.00 0.17
N PHE A 149 14.56 -8.80 0.69
CA PHE A 149 14.31 -7.65 -0.20
C PHE A 149 15.44 -6.63 -0.25
N ALA A 150 16.64 -7.09 0.11
CA ALA A 150 17.80 -6.19 0.26
C ALA A 150 18.30 -5.68 -1.08
N PHE A 151 18.85 -4.47 -1.06
CA PHE A 151 19.49 -3.89 -2.24
C PHE A 151 20.69 -3.09 -1.75
N GLU A 152 21.57 -2.71 -2.67
CA GLU A 152 22.79 -2.00 -2.31
C GLU A 152 22.59 -0.48 -2.37
N TRP A 153 23.17 0.22 -1.41
CA TRP A 153 23.14 1.67 -1.47
C TRP A 153 24.51 2.24 -1.14
N ARG A 154 25.07 2.96 -2.11
CA ARG A 154 26.35 3.62 -1.91
C ARG A 154 26.20 5.13 -2.00
N ASP A 155 26.94 5.82 -1.13
CA ASP A 155 26.94 7.28 -1.06
C ASP A 155 28.39 7.74 -1.18
N PRO A 156 28.92 7.76 -2.41
CA PRO A 156 30.34 7.98 -2.74
C PRO A 156 31.01 9.13 -1.97
N GLU A 157 30.32 10.26 -1.86
CA GLU A 157 30.88 11.43 -1.18
C GLU A 157 30.49 11.46 0.30
N MET A 158 30.03 10.32 0.81
CA MET A 158 29.72 10.16 2.23
C MET A 158 30.40 8.91 2.75
N GLY A 159 31.21 8.30 1.88
CA GLY A 159 31.98 7.12 2.24
C GLY A 159 31.12 5.97 2.77
N ILE A 160 30.04 5.67 2.05
CA ILE A 160 29.14 4.62 2.47
C ILE A 160 28.85 3.60 1.36
N SER A 161 29.01 2.32 1.69
CA SER A 161 28.60 1.24 0.81
C SER A 161 28.13 0.07 1.68
N GLY A 162 26.91 -0.38 1.43
CA GLY A 162 26.33 -1.47 2.19
C GLY A 162 24.94 -1.73 1.65
N GLN A 163 24.21 -2.62 2.32
CA GLN A 163 22.85 -2.94 1.87
C GLN A 163 21.85 -2.29 2.79
N LEU A 164 20.67 -2.01 2.23
CA LEU A 164 19.49 -1.61 2.99
C LEU A 164 18.41 -2.64 2.69
N THR A 165 17.44 -2.77 3.58
CA THR A 165 16.25 -3.53 3.22
C THR A 165 15.00 -2.90 3.83
N TRP A 166 13.86 -3.43 3.42
CA TRP A 166 12.54 -2.93 3.80
C TRP A 166 12.04 -3.58 5.06
N THR A 167 11.41 -2.78 5.91
CA THR A 167 10.78 -3.30 7.13
C THR A 167 9.28 -3.38 6.95
N ARG A 168 8.81 -3.03 5.75
CA ARG A 168 7.38 -3.04 5.40
C ARG A 168 7.22 -3.74 4.07
N LEU A 169 5.99 -4.15 3.77
CA LEU A 169 5.66 -4.79 2.50
C LEU A 169 6.13 -3.93 1.31
N PRO A 170 7.00 -4.48 0.45
CA PRO A 170 7.60 -3.61 -0.58
C PRO A 170 6.84 -3.50 -1.89
N GLN A 171 7.03 -2.37 -2.58
CA GLN A 171 6.59 -2.26 -3.95
C GLN A 171 7.36 -3.25 -4.81
N GLY A 172 6.71 -3.81 -5.83
CA GLY A 172 7.41 -4.66 -6.78
C GLY A 172 7.41 -6.13 -6.41
N PHE A 173 6.97 -6.42 -5.19
CA PHE A 173 6.84 -7.79 -4.72
C PHE A 173 5.50 -8.39 -5.18
N LYS A 174 5.56 -9.59 -5.75
CA LYS A 174 4.41 -10.10 -6.50
C LYS A 174 3.19 -10.29 -5.61
N ASN A 175 3.41 -10.57 -4.34
CA ASN A 175 2.29 -10.79 -3.44
C ASN A 175 1.79 -9.59 -2.66
N SER A 176 2.38 -8.41 -2.85
CA SER A 176 1.96 -7.27 -2.02
C SER A 176 0.49 -6.88 -2.20
N PRO A 177 0.00 -6.78 -3.44
CA PRO A 177 -1.41 -6.38 -3.57
C PRO A 177 -2.38 -7.35 -2.87
N THR A 178 -2.13 -8.64 -3.06
CA THR A 178 -3.00 -9.64 -2.46
C THR A 178 -2.89 -9.65 -0.93
N LEU A 179 -1.66 -9.59 -0.41
CA LEU A 179 -1.51 -9.54 1.04
C LEU A 179 -2.11 -8.30 1.67
N PHE A 180 -1.99 -7.15 0.98
CA PHE A 180 -2.60 -5.95 1.53
C PHE A 180 -4.12 -6.06 1.52
N ASP A 181 -4.69 -6.56 0.43
CA ASP A 181 -6.15 -6.64 0.30
C ASP A 181 -6.68 -7.55 1.41
N GLU A 182 -5.98 -8.66 1.65
CA GLU A 182 -6.40 -9.60 2.70
C GLU A 182 -6.28 -8.99 4.08
N ALA A 183 -5.20 -8.23 4.33
CA ALA A 183 -5.05 -7.60 5.63
C ALA A 183 -6.12 -6.56 5.91
N LEU A 184 -6.41 -5.72 4.91
CA LEU A 184 -7.42 -4.69 5.11
C LEU A 184 -8.80 -5.31 5.29
N HIS A 185 -9.07 -6.41 4.59
CA HIS A 185 -10.32 -7.14 4.81
C HIS A 185 -10.46 -7.60 6.27
N ARG A 186 -9.40 -8.17 6.84
CA ARG A 186 -9.43 -8.53 8.26
C ARG A 186 -9.70 -7.31 9.14
N ASP A 187 -9.04 -6.19 8.85
CA ASP A 187 -9.17 -5.02 9.70
C ASP A 187 -10.55 -4.31 9.54
N LEU A 188 -11.22 -4.50 8.42
CA LEU A 188 -12.49 -3.80 8.21
C LEU A 188 -13.69 -4.74 8.42
N ALA A 189 -13.40 -5.98 8.83
CA ALA A 189 -14.47 -6.96 9.06
C ALA A 189 -15.52 -6.45 10.05
N ASP A 190 -15.07 -5.85 11.14
CA ASP A 190 -16.00 -5.39 12.16
C ASP A 190 -16.84 -4.22 11.66
N PHE A 191 -16.18 -3.28 10.98
CA PHE A 191 -16.86 -2.15 10.38
C PHE A 191 -18.04 -2.63 9.54
N ARG A 192 -17.85 -3.68 8.76
CA ARG A 192 -18.90 -4.21 7.91
C ARG A 192 -20.05 -4.71 8.78
N ILE A 193 -19.71 -5.34 9.90
CA ILE A 193 -20.72 -5.87 10.82
C ILE A 193 -21.50 -4.74 11.51
N GLN A 194 -20.79 -3.67 11.88
CA GLN A 194 -21.42 -2.52 12.53
C GLN A 194 -22.28 -1.68 11.58
N HIS A 195 -22.10 -1.85 10.29
CA HIS A 195 -22.81 -1.04 9.31
C HIS A 195 -23.37 -1.90 8.19
N PRO A 196 -24.36 -2.75 8.53
CA PRO A 196 -24.94 -3.76 7.64
C PRO A 196 -25.66 -3.16 6.44
N ASP A 197 -25.96 -1.87 6.53
CA ASP A 197 -26.71 -1.21 5.47
C ASP A 197 -25.83 -0.36 4.56
N LEU A 198 -24.52 -0.41 4.78
CA LEU A 198 -23.56 0.23 3.89
C LEU A 198 -22.93 -0.80 2.96
N ILE A 199 -22.58 -0.37 1.75
CA ILE A 199 -21.83 -1.21 0.83
C ILE A 199 -20.40 -0.72 0.84
N LEU A 200 -19.46 -1.64 1.01
CA LEU A 200 -18.04 -1.27 1.03
C LEU A 200 -17.31 -2.13 0.03
N LEU A 201 -16.75 -1.52 -1.01
CA LEU A 201 -15.97 -2.25 -1.99
C LEU A 201 -14.51 -1.95 -1.74
N GLN A 202 -13.69 -3.00 -1.69
CA GLN A 202 -12.25 -2.84 -1.52
C GLN A 202 -11.51 -3.40 -2.70
N TYR A 203 -10.62 -2.60 -3.28
CA TYR A 203 -9.75 -3.09 -4.33
C TYR A 203 -8.31 -2.70 -3.98
N VAL A 204 -7.66 -3.55 -3.20
CA VAL A 204 -6.35 -3.19 -2.63
C VAL A 204 -6.43 -1.87 -1.83
N ASP A 205 -5.88 -0.77 -2.38
CA ASP A 205 -5.90 0.48 -1.62
C ASP A 205 -7.03 1.45 -2.03
N ASP A 206 -7.93 1.00 -2.90
CA ASP A 206 -9.01 1.84 -3.41
C ASP A 206 -10.36 1.43 -2.84
N LEU A 207 -10.98 2.32 -2.07
CA LEU A 207 -12.21 1.98 -1.37
C LEU A 207 -13.43 2.75 -1.91
N LEU A 208 -14.56 2.06 -2.05
CA LEU A 208 -15.83 2.73 -2.34
C LEU A 208 -16.83 2.40 -1.25
N LEU A 209 -17.35 3.43 -0.60
CA LEU A 209 -18.43 3.26 0.36
C LEU A 209 -19.69 3.79 -0.30
N ALA A 210 -20.75 2.98 -0.32
CA ALA A 210 -22.03 3.39 -0.91
C ALA A 210 -23.17 3.29 0.10
N ALA A 211 -24.05 4.28 0.10
CA ALA A 211 -25.19 4.27 1.02
C ALA A 211 -26.46 4.74 0.32
N THR A 212 -27.58 4.61 1.03
CA THR A 212 -28.89 4.92 0.47
C THR A 212 -29.17 6.42 0.39
N SER A 213 -28.69 7.17 1.38
CA SER A 213 -28.98 8.60 1.48
C SER A 213 -27.72 9.40 1.73
N GLU A 214 -27.77 10.69 1.43
CA GLU A 214 -26.64 11.58 1.66
C GLU A 214 -26.23 11.53 3.13
N LEU A 215 -27.21 11.52 4.03
CA LEU A 215 -26.93 11.49 5.46
C LEU A 215 -26.25 10.19 5.87
N ASP A 216 -26.80 9.06 5.45
CA ASP A 216 -26.21 7.76 5.75
C ASP A 216 -24.79 7.68 5.20
N CYS A 217 -24.57 8.31 4.05
CA CYS A 217 -23.23 8.33 3.47
C CYS A 217 -22.28 9.20 4.28
N GLN A 218 -22.81 10.27 4.86
CA GLN A 218 -22.02 11.15 5.71
C GLN A 218 -21.65 10.45 7.00
N GLN A 219 -22.62 9.76 7.58
CA GLN A 219 -22.40 9.06 8.85
C GLN A 219 -21.50 7.84 8.64
N GLY A 220 -21.69 7.15 7.52
CA GLY A 220 -20.84 6.03 7.18
C GLY A 220 -19.40 6.46 6.94
N THR A 221 -19.24 7.54 6.18
CA THR A 221 -17.93 8.06 5.84
C THR A 221 -17.17 8.53 7.09
N ARG A 222 -17.88 9.18 8.01
CA ARG A 222 -17.27 9.54 9.28
C ARG A 222 -16.80 8.29 10.02
N ALA A 223 -17.66 7.29 10.10
CA ALA A 223 -17.32 6.05 10.79
C ALA A 223 -16.13 5.35 10.12
N LEU A 224 -16.08 5.37 8.80
CA LEU A 224 -15.00 4.69 8.08
C LEU A 224 -13.66 5.41 8.27
N LEU A 225 -13.67 6.73 8.23
CA LEU A 225 -12.45 7.49 8.44
C LEU A 225 -11.93 7.26 9.86
N GLN A 226 -12.83 7.33 10.83
CA GLN A 226 -12.43 7.12 12.22
C GLN A 226 -11.78 5.75 12.36
N THR A 227 -12.43 4.73 11.81
CA THR A 227 -11.91 3.37 11.88
C THR A 227 -10.57 3.23 11.16
N LEU A 228 -10.47 3.71 9.92
CA LEU A 228 -9.19 3.61 9.19
C LEU A 228 -8.06 4.29 9.96
N GLY A 229 -8.31 5.51 10.44
CA GLY A 229 -7.27 6.21 11.19
C GLY A 229 -6.84 5.44 12.43
N ASN A 230 -7.83 4.93 13.16
CA ASN A 230 -7.57 4.14 14.35
C ASN A 230 -6.70 2.91 14.10
N LEU A 231 -6.92 2.25 12.96
CA LEU A 231 -6.23 1.02 12.62
C LEU A 231 -4.85 1.28 12.09
N GLY A 232 -4.57 2.53 11.72
CA GLY A 232 -3.25 2.92 11.26
C GLY A 232 -3.10 3.16 9.77
N TYR A 233 -4.20 3.14 9.03
CA TYR A 233 -4.17 3.42 7.60
C TYR A 233 -4.38 4.91 7.36
N ARG A 234 -3.97 5.39 6.20
CA ARG A 234 -4.08 6.82 5.90
C ARG A 234 -4.62 7.02 4.50
N ALA A 235 -5.62 7.88 4.38
CA ALA A 235 -6.26 8.14 3.10
C ALA A 235 -5.83 9.49 2.54
N SER A 236 -5.91 9.63 1.23
CA SER A 236 -5.52 10.88 0.57
C SER A 236 -6.66 11.90 0.63
N ALA A 237 -6.48 12.95 1.41
CA ALA A 237 -7.49 14.01 1.52
C ALA A 237 -7.63 14.74 0.20
N LYS A 238 -6.51 14.90 -0.49
CA LYS A 238 -6.48 15.59 -1.78
C LYS A 238 -7.38 14.91 -2.81
N LYS A 239 -7.34 13.59 -2.84
CA LYS A 239 -8.06 12.83 -3.86
C LYS A 239 -9.45 12.38 -3.40
N ALA A 240 -9.75 12.56 -2.13
CA ALA A 240 -10.99 12.04 -1.56
C ALA A 240 -12.24 12.59 -2.25
N GLN A 241 -13.13 11.70 -2.66
CA GLN A 241 -14.44 12.09 -3.17
C GLN A 241 -15.48 11.74 -2.12
N ILE A 242 -16.05 12.75 -1.46
CA ILE A 242 -16.91 12.48 -0.32
C ILE A 242 -18.38 12.80 -0.55
N CYS A 243 -19.22 11.78 -0.37
CA CYS A 243 -20.67 11.91 -0.44
C CYS A 243 -21.13 12.60 -1.72
N GLN A 244 -20.67 12.07 -2.84
CA GLN A 244 -21.08 12.58 -4.15
C GLN A 244 -22.05 11.59 -4.78
N LYS A 245 -22.94 12.07 -5.63
CA LYS A 245 -23.81 11.16 -6.36
C LYS A 245 -23.10 10.68 -7.63
N GLN A 246 -21.89 11.19 -7.82
CA GLN A 246 -21.09 10.92 -8.99
C GLN A 246 -19.62 10.84 -8.58
N VAL A 247 -18.98 9.69 -8.77
CA VAL A 247 -17.56 9.56 -8.41
C VAL A 247 -16.75 8.81 -9.46
N LYS A 248 -15.44 9.00 -9.43
CA LYS A 248 -14.53 8.18 -10.22
C LYS A 248 -13.97 7.04 -9.34
N TYR A 249 -14.23 5.79 -9.73
CA TYR A 249 -13.73 4.63 -8.98
C TYR A 249 -13.21 3.57 -9.93
N LEU A 250 -11.93 3.23 -9.79
CA LEU A 250 -11.30 2.21 -10.61
C LEU A 250 -11.48 2.48 -12.11
N GLY A 251 -11.34 3.75 -12.49
CA GLY A 251 -11.40 4.11 -13.89
C GLY A 251 -12.81 4.24 -14.43
N TYR A 252 -13.80 3.80 -13.64
CA TYR A 252 -15.20 3.95 -14.04
C TYR A 252 -15.74 5.28 -13.57
N LEU A 253 -16.71 5.82 -14.29
CA LEU A 253 -17.50 6.92 -13.75
C LEU A 253 -18.79 6.35 -13.19
N LEU A 254 -18.94 6.41 -11.88
CA LEU A 254 -20.13 5.88 -11.22
C LEU A 254 -21.20 6.97 -11.15
N LYS A 255 -22.26 6.80 -11.93
CA LYS A 255 -23.28 7.83 -12.06
C LYS A 255 -24.67 7.24 -12.30
N GLU A 256 -25.62 7.63 -11.46
CA GLU A 256 -27.00 7.18 -11.61
C GLU A 256 -27.12 5.66 -11.53
N GLY A 257 -26.20 5.02 -10.82
CA GLY A 257 -26.21 3.56 -10.72
C GLY A 257 -25.67 2.92 -11.98
N GLN A 258 -25.16 3.74 -12.88
CA GLN A 258 -24.58 3.24 -14.12
C GLN A 258 -23.07 3.05 -14.06
N ARG A 259 -22.61 1.99 -14.73
CA ARG A 259 -21.21 1.75 -15.03
C ARG A 259 -20.43 0.99 -13.96
#